data_1F4F
#
_entry.id   1F4F
#
_cell.length_a   126.140
_cell.length_b   126.140
_cell.length_c   66.812
_cell.angle_alpha   90.00
_cell.angle_beta   90.00
_cell.angle_gamma   120.00
#
_symmetry.space_group_name_H-M   'P 63'
#
loop_
_entity.id
_entity.type
_entity.pdbx_description
1 polymer 'THYMIDYLATE SYNTHASE'
2 non-polymer 'SULFATE ION'
3 non-polymer '4-[[GLUTAMIC ACID]-CARBONYL]-BENZENE-SULFONYL-D-PROLINE'
4 water water
#
_entity_poly.entity_id   1
_entity_poly.type   'polypeptide(L)'
_entity_poly.pdbx_seq_one_letter_code
;(CXM)KQYLELMQKVLDEGTQKNDRTGTGTLSIFGHQMRFNLQDGFPLVTTKRCHLRSIIHELLWFLQGDTNIAYLHENN
VTIWDEWADENGDLGPVYGKQWRAWPTPDGRHIDQITTVLNQLKNDPDSRRIIVSAWNVGELDKMALAPCHAFFQFYVAD
GKLSCQLYQRSCDVFLGLPFNIASYALLVHMMAQQCDLEVGDFVWTGGDTHLYSNHMDQTHLQLSREPRPLPKLIIKRKP
ESIFDYRFEDFEIEGYDPHPGIKAPVAI
;
_entity_poly.pdbx_strand_id   A,B
#
loop_
_chem_comp.id
_chem_comp.type
_chem_comp.name
_chem_comp.formula
SO4 non-polymer 'SULFATE ION' 'O4 S -2'
TP3 non-polymer '4-[[GLUTAMIC ACID]-CARBONYL]-BENZENE-SULFONYL-D-PROLINE' 'C17 H20 N2 O9 S'
#
# COMPACT_ATOMS: atom_id res chain seq x y z
N CXM A 1 20.23 7.13 8.28
CA CXM A 1 20.11 5.93 8.95
CB CXM A 1 18.70 5.53 9.44
CG CXM A 1 18.10 6.37 10.56
SD CXM A 1 16.33 6.10 10.80
CE CXM A 1 15.59 7.07 9.50
C CXM A 1 20.52 4.83 7.93
O CXM A 1 20.35 5.00 6.69
CN CXM A 1 21.06 7.92 9.03
ON1 CXM A 1 20.78 8.24 10.23
ON2 CXM A 1 20.73 9.06 8.71
N LYS A 2 20.97 3.68 8.41
CA LYS A 2 21.43 2.64 7.51
C LYS A 2 20.43 2.30 6.41
N GLN A 3 19.17 2.07 6.76
CA GLN A 3 18.11 1.73 5.85
C GLN A 3 17.90 2.86 4.86
N TYR A 4 17.93 4.09 5.37
CA TYR A 4 17.67 5.27 4.52
C TYR A 4 18.80 5.45 3.51
N LEU A 5 20.06 5.34 3.95
CA LEU A 5 21.17 5.48 3.01
C LEU A 5 21.21 4.34 2.01
N GLU A 6 20.85 3.12 2.40
CA GLU A 6 20.78 2.01 1.46
C GLU A 6 19.72 2.28 0.39
N LEU A 7 18.59 2.87 0.77
CA LEU A 7 17.58 3.23 -0.23
C LEU A 7 18.13 4.32 -1.14
N MET A 8 18.84 5.32 -0.60
CA MET A 8 19.41 6.34 -1.50
C MET A 8 20.29 5.64 -2.54
N GLN A 9 21.20 4.78 -2.09
CA GLN A 9 22.10 4.01 -2.94
C GLN A 9 21.36 3.10 -3.93
N LYS A 10 20.20 2.56 -3.54
CA LYS A 10 19.44 1.75 -4.48
C LYS A 10 18.86 2.61 -5.60
N VAL A 11 18.32 3.79 -5.29
CA VAL A 11 17.76 4.66 -6.31
C VAL A 11 18.88 5.05 -7.29
N LEU A 12 20.05 5.40 -6.76
CA LEU A 12 21.17 5.76 -7.63
C LEU A 12 21.62 4.59 -8.49
N ASP A 13 21.69 3.36 -7.96
CA ASP A 13 22.17 2.24 -8.75
C ASP A 13 21.16 1.66 -9.74
N GLU A 14 19.87 1.65 -9.41
CA GLU A 14 18.88 1.04 -10.29
C GLU A 14 17.91 2.00 -10.97
N GLY A 15 17.83 3.23 -10.50
CA GLY A 15 16.75 4.11 -10.91
C GLY A 15 16.74 4.42 -12.39
N THR A 16 15.56 4.76 -12.90
CA THR A 16 15.38 5.12 -14.29
C THR A 16 15.28 6.65 -14.33
N GLN A 17 16.04 7.24 -15.23
CA GLN A 17 16.02 8.69 -15.41
C GLN A 17 14.72 9.07 -16.11
N LYS A 18 13.95 9.93 -15.48
CA LYS A 18 12.63 10.32 -16.01
C LYS A 18 12.47 11.81 -15.83
N ASN A 19 11.25 12.32 -15.98
CA ASN A 19 10.97 13.74 -15.83
C ASN A 19 9.73 13.94 -14.97
N ASP A 20 9.83 14.65 -13.85
CA ASP A 20 8.65 14.82 -13.00
C ASP A 20 7.58 15.61 -13.76
N ARG A 21 6.44 15.86 -13.10
CA ARG A 21 5.34 16.59 -13.71
C ARG A 21 5.72 17.99 -14.19
N THR A 22 6.59 18.68 -13.47
CA THR A 22 7.06 20.01 -13.83
C THR A 22 8.26 19.97 -14.76
N GLY A 23 8.72 18.78 -15.16
CA GLY A 23 9.89 18.67 -16.03
C GLY A 23 11.11 18.30 -15.19
N THR A 24 11.32 18.99 -14.07
CA THR A 24 12.44 18.68 -13.18
C THR A 24 12.66 17.17 -13.18
N GLY A 25 13.82 16.77 -13.69
CA GLY A 25 14.10 15.35 -13.79
C GLY A 25 14.12 14.64 -12.44
N THR A 26 13.85 13.34 -12.53
CA THR A 26 13.90 12.43 -11.41
C THR A 26 14.64 11.15 -11.83
N LEU A 27 15.22 10.53 -10.83
CA LEU A 27 15.78 9.19 -10.91
C LEU A 27 14.81 8.35 -10.07
N SER A 28 14.13 7.36 -10.66
CA SER A 28 13.19 6.63 -9.84
C SER A 28 13.19 5.12 -9.95
N ILE A 29 12.87 4.47 -8.83
CA ILE A 29 12.68 3.02 -8.80
C ILE A 29 11.19 2.79 -8.48
N PHE A 30 10.72 1.58 -8.66
CA PHE A 30 9.34 1.29 -8.32
C PHE A 30 9.28 0.04 -7.43
N GLY A 31 8.84 0.25 -6.20
CA GLY A 31 8.72 -0.86 -5.25
C GLY A 31 9.96 -0.91 -4.35
N HIS A 32 9.72 -0.78 -3.04
CA HIS A 32 10.77 -0.86 -2.04
C HIS A 32 10.12 -1.06 -0.68
N GLN A 33 10.86 -1.68 0.25
CA GLN A 33 10.35 -1.92 1.58
C GLN A 33 11.49 -1.93 2.60
N MET A 34 11.30 -1.23 3.69
CA MET A 34 12.30 -1.24 4.78
C MET A 34 11.56 -1.18 6.11
N ARG A 35 12.30 -1.51 7.18
CA ARG A 35 11.69 -1.58 8.50
C ARG A 35 12.56 -0.97 9.57
N PHE A 36 11.91 -0.34 10.53
CA PHE A 36 12.52 0.33 11.65
C PHE A 36 11.96 -0.23 12.95
N ASN A 37 12.82 -0.94 13.70
CA ASN A 37 12.33 -1.46 14.98
C ASN A 37 12.39 -0.25 15.92
N LEU A 38 11.23 0.29 16.28
CA LEU A 38 11.21 1.48 17.11
C LEU A 38 11.82 1.36 18.49
N GLN A 39 12.00 0.18 19.04
CA GLN A 39 12.67 -0.02 20.32
C GLN A 39 14.17 0.15 20.15
N ASP A 40 14.69 0.10 18.91
CA ASP A 40 16.09 0.34 18.66
C ASP A 40 16.39 1.85 18.81
N GLY A 41 15.37 2.70 18.69
CA GLY A 41 15.62 4.15 18.79
C GLY A 41 14.67 4.89 17.85
N PHE A 42 14.47 6.19 18.05
CA PHE A 42 13.51 6.92 17.18
C PHE A 42 14.17 7.17 15.84
N PRO A 43 13.52 6.78 14.75
CA PRO A 43 14.13 6.87 13.42
C PRO A 43 14.14 8.25 12.80
N LEU A 44 14.96 9.14 13.35
CA LEU A 44 15.14 10.49 12.82
C LEU A 44 16.52 10.49 12.15
N VAL A 45 16.57 10.70 10.83
CA VAL A 45 17.84 10.72 10.08
C VAL A 45 18.95 11.48 10.79
N THR A 46 20.15 10.90 10.87
CA THR A 46 21.26 11.55 11.55
C THR A 46 22.33 12.04 10.56
N THR A 47 22.24 11.65 9.29
CA THR A 47 23.28 12.06 8.33
C THR A 47 23.13 13.47 7.80
N LYS A 48 22.08 14.16 8.21
CA LYS A 48 21.87 15.59 8.03
C LYS A 48 21.02 16.04 9.22
N ARG A 49 21.20 17.26 9.72
CA ARG A 49 20.34 17.74 10.79
C ARG A 49 18.90 17.90 10.30
N CYS A 50 17.98 17.21 10.97
CA CYS A 50 16.57 17.37 10.61
C CYS A 50 15.89 18.10 11.78
N HIS A 51 14.90 18.93 11.50
CA HIS A 51 14.22 19.57 12.63
C HIS A 51 12.91 18.85 12.90
N LEU A 52 12.83 18.22 14.07
CA LEU A 52 11.64 17.50 14.51
C LEU A 52 10.50 18.44 14.84
N ARG A 53 10.83 19.69 15.17
CA ARG A 53 9.84 20.73 15.42
C ARG A 53 8.76 20.79 14.34
N SER A 54 9.16 20.87 13.07
CA SER A 54 8.21 20.94 11.98
C SER A 54 7.40 19.66 11.80
N ILE A 55 8.00 18.51 12.04
CA ILE A 55 7.36 17.21 11.89
C ILE A 55 6.28 17.07 12.96
N ILE A 56 6.60 17.50 14.18
CA ILE A 56 5.62 17.44 15.27
C ILE A 56 4.42 18.34 14.99
N HIS A 57 4.67 19.61 14.61
CA HIS A 57 3.54 20.50 14.34
C HIS A 57 2.69 19.96 13.21
N GLU A 58 3.29 19.41 12.15
CA GLU A 58 2.49 18.90 11.04
C GLU A 58 1.58 17.76 11.48
N LEU A 59 2.12 16.85 12.30
CA LEU A 59 1.33 15.71 12.77
C LEU A 59 0.19 16.11 13.69
N LEU A 60 0.39 17.10 14.57
CA LEU A 60 -0.70 17.55 15.44
C LEU A 60 -1.80 18.20 14.59
N TRP A 61 -1.42 18.89 13.53
CA TRP A 61 -2.29 19.55 12.57
C TRP A 61 -3.08 18.48 11.81
N PHE A 62 -2.39 17.47 11.27
CA PHE A 62 -3.10 16.37 10.64
C PHE A 62 -4.17 15.81 11.59
N LEU A 63 -3.75 15.38 12.79
CA LEU A 63 -4.66 14.82 13.78
C LEU A 63 -5.85 15.70 14.13
N GLN A 64 -5.77 17.02 14.03
CA GLN A 64 -6.94 17.85 14.30
C GLN A 64 -7.91 17.88 13.11
N GLY A 65 -7.49 17.46 11.92
CA GLY A 65 -8.33 17.47 10.73
C GLY A 65 -8.20 18.79 9.99
N ASP A 66 -7.23 19.60 10.35
CA ASP A 66 -7.03 20.93 9.78
C ASP A 66 -6.38 20.87 8.42
N THR A 67 -6.83 21.72 7.50
CA THR A 67 -6.27 21.75 6.15
C THR A 67 -5.92 23.18 5.76
N ASN A 68 -5.88 24.09 6.73
CA ASN A 68 -5.45 25.48 6.48
C ASN A 68 -4.06 25.68 7.03
N ILE A 69 -3.20 26.45 6.35
CA ILE A 69 -1.83 26.57 6.89
C ILE A 69 -1.66 27.52 8.07
N ALA A 70 -2.70 28.24 8.48
CA ALA A 70 -2.61 29.20 9.57
C ALA A 70 -1.83 28.68 10.79
N TYR A 71 -2.29 27.54 11.33
CA TYR A 71 -1.60 26.90 12.44
C TYR A 71 -0.12 26.67 12.13
N LEU A 72 0.22 26.12 10.96
CA LEU A 72 1.62 25.88 10.63
C LEU A 72 2.38 27.20 10.50
N HIS A 73 1.79 28.14 9.76
CA HIS A 73 2.36 29.46 9.55
C HIS A 73 2.59 30.17 10.88
N GLU A 74 1.61 30.19 11.77
CA GLU A 74 1.74 30.76 13.10
C GLU A 74 2.96 30.19 13.82
N ASN A 75 3.26 28.90 13.69
CA ASN A 75 4.36 28.24 14.36
C ASN A 75 5.64 28.15 13.54
N ASN A 76 5.75 28.98 12.52
CA ASN A 76 6.90 29.04 11.64
C ASN A 76 7.24 27.73 10.95
N VAL A 77 6.22 26.96 10.56
CA VAL A 77 6.35 25.76 9.73
C VAL A 77 5.81 26.18 8.37
N THR A 78 6.71 26.25 7.39
CA THR A 78 6.41 26.70 6.05
C THR A 78 6.40 25.69 4.94
N ILE A 79 6.56 24.42 5.24
CA ILE A 79 6.59 23.35 4.27
C ILE A 79 5.34 23.24 3.41
N TRP A 80 4.17 23.69 3.83
CA TRP A 80 2.97 23.59 3.02
C TRP A 80 2.61 24.90 2.32
N ASP A 81 3.35 25.97 2.58
CA ASP A 81 3.04 27.30 2.10
C ASP A 81 2.84 27.44 0.60
N GLU A 82 3.68 26.85 -0.22
CA GLU A 82 3.61 26.91 -1.67
C GLU A 82 2.39 26.27 -2.32
N TRP A 83 1.69 25.41 -1.59
CA TRP A 83 0.52 24.73 -2.08
C TRP A 83 -0.77 25.44 -1.69
N ALA A 84 -0.74 26.32 -0.69
CA ALA A 84 -1.94 26.98 -0.19
C ALA A 84 -2.48 28.06 -1.13
N ASP A 85 -3.80 28.22 -1.12
CA ASP A 85 -4.44 29.22 -1.99
C ASP A 85 -4.35 30.58 -1.31
N GLU A 86 -5.00 31.63 -1.80
CA GLU A 86 -4.88 32.93 -1.14
C GLU A 86 -5.41 33.00 0.29
N ASN A 87 -6.29 32.11 0.71
CA ASN A 87 -6.86 32.08 2.05
C ASN A 87 -6.16 31.08 2.96
N GLY A 88 -5.13 30.41 2.47
CA GLY A 88 -4.40 29.44 3.25
C GLY A 88 -4.93 28.01 3.12
N ASP A 89 -5.94 27.77 2.30
CA ASP A 89 -6.54 26.46 2.20
C ASP A 89 -5.88 25.51 1.22
N LEU A 90 -5.80 24.25 1.62
CA LEU A 90 -5.19 23.18 0.82
C LEU A 90 -6.22 22.26 0.21
N GLY A 91 -7.50 22.46 0.51
CA GLY A 91 -8.51 21.50 0.02
C GLY A 91 -8.52 20.38 1.06
N PRO A 92 -9.26 19.31 0.82
CA PRO A 92 -9.40 18.23 1.79
C PRO A 92 -8.29 17.21 1.79
N VAL A 93 -7.07 17.71 2.09
CA VAL A 93 -5.89 16.85 2.11
C VAL A 93 -5.82 16.03 3.38
N TYR A 94 -4.77 15.23 3.52
CA TYR A 94 -4.52 14.34 4.64
C TYR A 94 -5.47 14.42 5.82
N GLY A 95 -5.30 15.42 6.68
CA GLY A 95 -6.04 15.64 7.90
C GLY A 95 -7.55 15.56 7.75
N LYS A 96 -8.11 16.08 6.66
CA LYS A 96 -9.56 16.02 6.47
C LYS A 96 -9.98 14.57 6.24
N GLN A 97 -9.23 13.82 5.44
CA GLN A 97 -9.55 12.44 5.14
C GLN A 97 -9.43 11.51 6.34
N TRP A 98 -8.42 11.76 7.15
CA TRP A 98 -8.13 11.01 8.36
C TRP A 98 -9.27 11.14 9.36
N ARG A 99 -9.76 12.36 9.54
CA ARG A 99 -10.79 12.62 10.55
C ARG A 99 -12.21 12.68 10.02
N ALA A 100 -12.46 12.94 8.76
CA ALA A 100 -13.84 13.04 8.30
C ALA A 100 -14.01 12.71 6.83
N TRP A 101 -13.76 11.45 6.51
CA TRP A 101 -13.98 10.96 5.15
C TRP A 101 -15.49 10.96 4.88
N PRO A 102 -15.92 11.68 3.88
CA PRO A 102 -17.33 11.75 3.52
C PRO A 102 -17.78 10.55 2.70
N THR A 103 -18.83 9.91 3.19
CA THR A 103 -19.46 8.75 2.59
C THR A 103 -20.56 9.22 1.63
N PRO A 104 -21.04 8.35 0.76
CA PRO A 104 -22.06 8.67 -0.20
C PRO A 104 -23.40 9.03 0.43
N ASP A 105 -23.75 8.40 1.55
CA ASP A 105 -25.01 8.66 2.23
C ASP A 105 -25.00 9.85 3.17
N GLY A 106 -23.96 10.66 3.21
CA GLY A 106 -23.92 11.86 4.00
C GLY A 106 -23.31 11.78 5.38
N ARG A 107 -22.74 10.63 5.72
CA ARG A 107 -22.02 10.44 6.96
C ARG A 107 -20.56 10.82 6.74
N HIS A 108 -19.80 10.89 7.82
CA HIS A 108 -18.39 11.21 7.81
C HIS A 108 -17.73 10.16 8.70
N ILE A 109 -16.60 9.62 8.30
CA ILE A 109 -15.98 8.59 9.14
C ILE A 109 -14.69 9.12 9.73
N ASP A 110 -14.55 8.95 11.05
CA ASP A 110 -13.33 9.43 11.70
C ASP A 110 -12.42 8.20 11.79
N GLN A 111 -11.49 8.14 10.84
CA GLN A 111 -10.64 6.95 10.74
C GLN A 111 -9.63 6.78 11.87
N ILE A 112 -9.18 7.88 12.45
CA ILE A 112 -8.25 7.76 13.59
C ILE A 112 -8.98 7.14 14.77
N THR A 113 -10.16 7.65 15.09
CA THR A 113 -10.96 7.12 16.21
C THR A 113 -11.30 5.66 15.96
N THR A 114 -11.68 5.33 14.72
CA THR A 114 -11.96 3.95 14.35
C THR A 114 -10.77 3.05 14.65
N VAL A 115 -9.57 3.42 14.23
CA VAL A 115 -8.35 2.66 14.48
C VAL A 115 -8.02 2.51 15.95
N LEU A 116 -8.23 3.59 16.71
CA LEU A 116 -7.98 3.59 18.15
C LEU A 116 -8.88 2.55 18.84
N ASN A 117 -10.16 2.55 18.45
CA ASN A 117 -11.11 1.58 18.97
C ASN A 117 -10.80 0.17 18.52
N GLN A 118 -10.41 0.00 17.25
CA GLN A 118 -10.05 -1.35 16.80
C GLN A 118 -8.79 -1.80 17.55
N LEU A 119 -7.83 -0.94 17.84
CA LEU A 119 -6.65 -1.39 18.58
C LEU A 119 -7.03 -1.77 20.00
N LYS A 120 -7.93 -1.05 20.66
CA LYS A 120 -8.30 -1.38 22.03
C LYS A 120 -9.18 -2.61 22.11
N ASN A 121 -10.12 -2.80 21.18
CA ASN A 121 -11.09 -3.87 21.24
C ASN A 121 -10.91 -5.08 20.36
N ASP A 122 -10.20 -4.97 19.25
CA ASP A 122 -9.97 -6.09 18.33
C ASP A 122 -8.62 -5.91 17.66
N PRO A 123 -7.56 -5.91 18.45
CA PRO A 123 -6.19 -5.70 17.97
C PRO A 123 -5.73 -6.70 16.95
N ASP A 124 -6.30 -7.89 16.85
CA ASP A 124 -5.94 -8.83 15.79
C ASP A 124 -6.70 -8.54 14.51
N SER A 125 -7.59 -7.56 14.48
CA SER A 125 -8.27 -7.23 13.24
C SER A 125 -7.26 -7.06 12.10
N ARG A 126 -7.62 -7.51 10.91
CA ARG A 126 -6.78 -7.41 9.73
C ARG A 126 -7.15 -6.22 8.85
N ARG A 127 -8.00 -5.34 9.38
CA ARG A 127 -8.35 -4.14 8.63
C ARG A 127 -8.28 -2.90 9.54
N ILE A 128 -7.17 -2.75 10.25
CA ILE A 128 -6.89 -1.59 11.07
C ILE A 128 -6.16 -0.60 10.17
N ILE A 129 -6.97 0.11 9.38
CA ILE A 129 -6.46 0.98 8.32
C ILE A 129 -6.96 2.41 8.26
N VAL A 130 -6.05 3.30 7.82
CA VAL A 130 -6.39 4.69 7.58
C VAL A 130 -6.01 4.96 6.11
N SER A 131 -6.91 5.50 5.31
CA SER A 131 -6.65 5.83 3.94
C SER A 131 -6.90 7.33 3.69
N ALA A 132 -5.90 7.93 3.08
CA ALA A 132 -6.00 9.32 2.65
C ALA A 132 -6.39 9.32 1.17
N TRP A 133 -6.43 8.16 0.52
CA TRP A 133 -6.73 8.07 -0.89
C TRP A 133 -8.22 8.04 -1.17
N ASN A 134 -8.82 9.23 -1.02
CA ASN A 134 -10.22 9.44 -1.33
C ASN A 134 -10.34 9.83 -2.80
N VAL A 135 -10.58 8.83 -3.64
CA VAL A 135 -10.71 8.95 -5.08
C VAL A 135 -11.65 10.08 -5.49
N GLY A 136 -12.79 10.17 -4.81
CA GLY A 136 -13.78 11.18 -5.06
C GLY A 136 -13.38 12.60 -4.78
N GLU A 137 -12.33 12.87 -4.01
CA GLU A 137 -11.94 14.22 -3.66
C GLU A 137 -10.50 14.55 -4.01
N LEU A 138 -9.74 13.64 -4.61
CA LEU A 138 -8.37 13.91 -4.99
C LEU A 138 -8.16 15.20 -5.77
N ASP A 139 -9.08 15.51 -6.68
CA ASP A 139 -8.91 16.66 -7.57
C ASP A 139 -9.38 17.96 -6.94
N LYS A 140 -9.83 17.92 -5.69
CA LYS A 140 -10.16 19.13 -4.95
C LYS A 140 -8.98 19.47 -4.05
N MET A 141 -8.08 18.50 -3.87
CA MET A 141 -6.88 18.72 -3.06
C MET A 141 -5.80 19.55 -3.75
N ALA A 142 -5.01 20.30 -2.99
CA ALA A 142 -3.91 21.06 -3.61
C ALA A 142 -2.85 20.08 -4.10
N LEU A 143 -2.68 18.95 -3.45
CA LEU A 143 -1.79 17.88 -3.77
C LEU A 143 -2.47 16.55 -3.36
N ALA A 144 -2.35 15.53 -4.19
CA ALA A 144 -2.90 14.20 -3.86
C ALA A 144 -1.97 13.59 -2.82
N PRO A 145 -2.48 12.82 -1.88
CA PRO A 145 -1.65 12.26 -0.84
C PRO A 145 -0.42 11.51 -1.34
N CYS A 146 0.75 11.84 -0.82
CA CYS A 146 1.96 11.07 -1.07
C CYS A 146 2.01 9.85 -0.14
N HIS A 147 1.86 10.07 1.15
CA HIS A 147 1.79 9.00 2.15
C HIS A 147 0.30 8.68 2.25
N ALA A 148 -0.11 7.75 1.38
CA ALA A 148 -1.51 7.58 1.08
C ALA A 148 -2.37 6.58 1.82
N PHE A 149 -1.78 5.52 2.35
CA PHE A 149 -2.51 4.41 2.95
C PHE A 149 -1.68 3.77 4.04
N PHE A 150 -2.23 3.54 5.23
CA PHE A 150 -1.41 2.92 6.29
C PHE A 150 -2.23 1.93 7.11
N GLN A 151 -1.56 0.95 7.69
CA GLN A 151 -2.20 -0.13 8.43
C GLN A 151 -1.45 -0.46 9.72
N PHE A 152 -2.21 -0.79 10.75
CA PHE A 152 -1.65 -1.13 12.05
C PHE A 152 -1.77 -2.64 12.31
N TYR A 153 -0.88 -3.11 13.19
CA TYR A 153 -0.80 -4.55 13.48
C TYR A 153 -0.29 -4.71 14.89
N VAL A 154 -0.78 -5.74 15.58
CA VAL A 154 -0.40 -5.90 16.99
C VAL A 154 0.10 -7.33 17.20
N ALA A 155 1.25 -7.48 17.81
CA ALA A 155 1.74 -8.84 18.09
C ALA A 155 2.60 -8.76 19.34
N ASP A 156 2.41 -9.66 20.27
CA ASP A 156 3.22 -9.68 21.49
C ASP A 156 3.26 -8.34 22.22
N GLY A 157 2.12 -7.68 22.34
CA GLY A 157 1.92 -6.43 22.99
C GLY A 157 2.62 -5.23 22.36
N LYS A 158 3.00 -5.31 21.10
CA LYS A 158 3.70 -4.23 20.42
C LYS A 158 2.87 -3.77 19.21
N LEU A 159 2.86 -2.45 19.02
CA LEU A 159 2.14 -1.87 17.90
C LEU A 159 3.07 -1.60 16.73
N SER A 160 2.71 -2.11 15.57
CA SER A 160 3.47 -1.87 14.35
C SER A 160 2.59 -1.10 13.36
N CYS A 161 3.19 -0.50 12.34
CA CYS A 161 2.45 0.23 11.33
C CYS A 161 3.14 0.15 9.97
N GLN A 162 2.35 -0.06 8.91
CA GLN A 162 2.92 -0.12 7.58
C GLN A 162 2.31 1.01 6.75
N LEU A 163 3.19 1.79 6.15
CA LEU A 163 2.79 2.87 5.27
C LEU A 163 3.07 2.53 3.81
N TYR A 164 2.08 2.78 2.95
CA TYR A 164 2.24 2.67 1.52
C TYR A 164 2.39 4.13 1.04
N GLN A 165 3.59 4.47 0.60
CA GLN A 165 3.86 5.81 0.08
C GLN A 165 3.94 5.71 -1.43
N ARG A 166 2.88 6.11 -2.11
CA ARG A 166 2.75 6.07 -3.57
C ARG A 166 3.78 6.94 -4.30
N SER A 167 4.23 8.01 -3.69
CA SER A 167 5.22 8.89 -4.29
C SER A 167 6.15 9.38 -3.17
N CYS A 168 7.44 9.19 -3.38
CA CYS A 168 8.39 9.59 -2.35
C CYS A 168 9.54 10.41 -2.92
N ASP A 169 9.70 11.58 -2.37
CA ASP A 169 10.83 12.46 -2.57
C ASP A 169 11.84 11.97 -1.52
N VAL A 170 12.77 11.14 -1.96
CA VAL A 170 13.72 10.54 -1.01
C VAL A 170 14.54 11.55 -0.24
N PHE A 171 15.15 12.54 -0.90
CA PHE A 171 15.98 13.48 -0.16
C PHE A 171 15.20 14.34 0.82
N LEU A 172 14.09 14.94 0.38
CA LEU A 172 13.46 15.99 1.19
C LEU A 172 12.25 15.54 1.99
N GLY A 173 11.41 14.75 1.37
CA GLY A 173 10.20 14.22 1.97
C GLY A 173 10.42 13.08 2.95
N LEU A 174 11.12 12.03 2.52
CA LEU A 174 11.30 10.83 3.30
C LEU A 174 11.71 10.95 4.74
N PRO A 175 12.71 11.74 5.10
CA PRO A 175 13.12 11.85 6.51
C PRO A 175 11.96 12.31 7.37
N PHE A 176 11.16 13.25 6.86
CA PHE A 176 10.00 13.81 7.51
C PHE A 176 8.90 12.75 7.62
N ASN A 177 8.63 12.04 6.54
CA ASN A 177 7.57 11.03 6.56
C ASN A 177 7.92 9.91 7.52
N ILE A 178 9.19 9.47 7.55
CA ILE A 178 9.52 8.36 8.47
C ILE A 178 9.31 8.82 9.91
N ALA A 179 9.89 9.94 10.33
CA ALA A 179 9.71 10.45 11.69
C ALA A 179 8.24 10.70 12.02
N SER A 180 7.48 11.22 11.07
CA SER A 180 6.06 11.47 11.30
C SER A 180 5.28 10.24 11.73
N TYR A 181 5.34 9.17 10.93
CA TYR A 181 4.63 7.93 11.27
C TYR A 181 5.22 7.28 12.51
N ALA A 182 6.53 7.40 12.76
CA ALA A 182 7.11 6.77 13.97
C ALA A 182 6.56 7.44 15.21
N LEU A 183 6.41 8.76 15.16
CA LEU A 183 5.79 9.54 16.23
C LEU A 183 4.35 9.11 16.42
N LEU A 184 3.62 8.90 15.31
CA LEU A 184 2.22 8.48 15.40
C LEU A 184 2.09 7.10 16.02
N VAL A 185 3.05 6.21 15.75
CA VAL A 185 3.02 4.87 16.36
C VAL A 185 3.20 5.03 17.87
N HIS A 186 4.13 5.89 18.28
CA HIS A 186 4.36 6.08 19.71
C HIS A 186 3.08 6.58 20.40
N MET A 187 2.41 7.55 19.81
CA MET A 187 1.20 8.13 20.38
C MET A 187 0.05 7.15 20.50
N MET A 188 -0.14 6.35 19.45
CA MET A 188 -1.20 5.35 19.47
C MET A 188 -0.85 4.26 20.47
N ALA A 189 0.40 3.85 20.50
CA ALA A 189 0.82 2.81 21.46
C ALA A 189 0.55 3.32 22.87
N GLN A 190 0.93 4.57 23.14
CA GLN A 190 0.65 5.16 24.44
C GLN A 190 -0.85 5.17 24.72
N GLN A 191 -1.71 5.55 23.77
CA GLN A 191 -3.15 5.57 24.03
C GLN A 191 -3.80 4.22 24.27
N CYS A 192 -3.32 3.12 23.69
CA CYS A 192 -3.89 1.81 23.91
C CYS A 192 -3.04 0.97 24.86
N ASP A 193 -2.11 1.55 25.59
CA ASP A 193 -1.30 0.79 26.54
C ASP A 193 -0.48 -0.32 25.88
N LEU A 194 0.10 -0.04 24.71
CA LEU A 194 0.91 -0.99 23.98
C LEU A 194 2.36 -0.52 24.00
N GLU A 195 3.26 -1.41 23.61
CA GLU A 195 4.65 -1.02 23.39
C GLU A 195 4.85 -0.73 21.90
N VAL A 196 5.95 -0.11 21.52
CA VAL A 196 6.15 0.16 20.09
C VAL A 196 6.79 -1.03 19.41
N GLY A 197 6.29 -1.34 18.20
CA GLY A 197 6.84 -2.44 17.41
C GLY A 197 7.65 -1.88 16.25
N ASP A 198 7.37 -2.32 15.03
CA ASP A 198 8.07 -1.77 13.86
C ASP A 198 7.25 -0.75 13.05
N PHE A 199 7.97 0.15 12.40
CA PHE A 199 7.44 1.02 11.37
C PHE A 199 7.89 0.39 10.03
N VAL A 200 6.97 -0.07 9.20
CA VAL A 200 7.29 -0.66 7.91
C VAL A 200 7.06 0.35 6.79
N TRP A 201 8.11 0.72 6.07
CA TRP A 201 7.95 1.68 4.99
C TRP A 201 8.00 1.02 3.62
N THR A 202 6.92 1.20 2.87
CA THR A 202 6.85 0.68 1.51
C THR A 202 6.70 1.82 0.51
N GLY A 203 7.49 1.83 -0.54
CA GLY A 203 7.43 2.85 -1.56
C GLY A 203 6.82 2.39 -2.89
N GLY A 204 6.14 3.31 -3.55
CA GLY A 204 5.69 3.14 -4.93
C GLY A 204 6.73 3.84 -5.81
N ASP A 205 6.36 4.94 -6.45
CA ASP A 205 7.32 5.71 -7.24
C ASP A 205 8.27 6.43 -6.28
N THR A 206 9.45 5.87 -6.12
CA THR A 206 10.46 6.31 -5.16
C THR A 206 11.60 7.00 -5.89
N HIS A 207 11.72 8.32 -5.75
CA HIS A 207 12.66 9.05 -6.58
C HIS A 207 13.51 10.09 -5.88
N LEU A 208 14.63 10.39 -6.55
CA LEU A 208 15.57 11.42 -6.18
C LEU A 208 15.43 12.47 -7.30
N TYR A 209 15.18 13.70 -6.90
CA TYR A 209 15.10 14.76 -7.90
C TYR A 209 16.52 15.10 -8.35
N SER A 210 16.65 15.35 -9.65
CA SER A 210 17.92 15.68 -10.26
C SER A 210 18.70 16.80 -9.59
N ASN A 211 18.07 17.82 -9.02
CA ASN A 211 18.75 18.88 -8.32
C ASN A 211 19.00 18.60 -6.85
N HIS A 212 18.94 17.34 -6.44
CA HIS A 212 19.25 16.88 -5.09
C HIS A 212 20.41 15.87 -5.16
N MET A 213 20.98 15.68 -6.34
CA MET A 213 22.05 14.69 -6.49
C MET A 213 23.34 15.01 -5.76
N ASP A 214 23.84 16.25 -5.76
CA ASP A 214 25.05 16.54 -4.99
C ASP A 214 24.75 16.49 -3.48
N GLN A 215 23.56 16.89 -3.03
CA GLN A 215 23.19 16.84 -1.64
C GLN A 215 23.11 15.37 -1.20
N THR A 216 22.60 14.53 -2.08
CA THR A 216 22.50 13.09 -1.82
C THR A 216 23.86 12.45 -1.68
N HIS A 217 24.79 12.69 -2.60
CA HIS A 217 26.13 12.12 -2.50
C HIS A 217 26.88 12.73 -1.31
N LEU A 218 26.68 14.01 -1.00
CA LEU A 218 27.28 14.56 0.22
C LEU A 218 26.81 13.75 1.42
N GLN A 219 25.51 13.56 1.59
CA GLN A 219 24.94 12.76 2.67
C GLN A 219 25.48 11.33 2.71
N LEU A 220 25.66 10.72 1.53
CA LEU A 220 26.15 9.34 1.44
C LEU A 220 27.60 9.22 1.85
N SER A 221 28.37 10.30 1.95
CA SER A 221 29.72 10.22 2.46
C SER A 221 29.79 10.23 3.98
N ARG A 222 28.67 10.32 4.68
CA ARG A 222 28.67 10.36 6.13
C ARG A 222 28.24 9.05 6.77
N GLU A 223 28.67 8.83 8.01
CA GLU A 223 28.29 7.66 8.78
C GLU A 223 27.08 7.99 9.67
N PRO A 224 26.09 7.13 9.64
CA PRO A 224 24.93 7.31 10.50
C PRO A 224 25.38 7.24 11.96
N ARG A 225 24.87 8.13 12.78
CA ARG A 225 25.14 8.16 14.21
C ARG A 225 24.08 7.30 14.90
N PRO A 226 24.23 7.05 16.19
CA PRO A 226 23.25 6.25 16.93
C PRO A 226 21.92 6.99 16.96
N LEU A 227 20.83 6.25 16.79
CA LEU A 227 19.49 6.81 16.84
C LEU A 227 19.20 7.54 18.14
N PRO A 228 18.54 8.69 18.02
CA PRO A 228 18.07 9.43 19.17
C PRO A 228 16.96 8.66 19.90
N LYS A 229 16.47 9.22 21.00
CA LYS A 229 15.41 8.56 21.76
C LYS A 229 14.20 9.49 21.95
N LEU A 230 13.00 8.91 21.89
CA LEU A 230 11.80 9.70 22.08
C LEU A 230 11.16 9.55 23.46
N ILE A 231 11.00 10.69 24.11
CA ILE A 231 10.37 10.75 25.43
C ILE A 231 9.06 11.53 25.36
N ILE A 232 7.92 10.87 25.56
CA ILE A 232 6.63 11.57 25.65
C ILE A 232 6.36 11.84 27.12
N LYS A 233 6.15 13.08 27.56
CA LYS A 233 6.09 13.42 28.96
C LYS A 233 4.72 13.37 29.62
N ARG A 234 3.68 13.11 28.85
CA ARG A 234 2.31 13.11 29.40
C ARG A 234 1.48 12.08 28.65
N LYS A 235 0.39 11.64 29.26
CA LYS A 235 -0.56 10.77 28.59
C LYS A 235 -1.90 11.52 28.52
N PRO A 236 -2.16 12.18 27.41
CA PRO A 236 -3.39 12.93 27.23
C PRO A 236 -4.58 11.99 27.25
N GLU A 237 -5.75 12.59 27.46
CA GLU A 237 -6.98 11.82 27.56
C GLU A 237 -7.35 11.22 26.21
N SER A 238 -6.91 11.78 25.09
CA SER A 238 -7.18 11.20 23.79
C SER A 238 -6.00 11.48 22.87
N ILE A 239 -5.99 10.77 21.76
CA ILE A 239 -4.98 10.89 20.71
C ILE A 239 -5.00 12.27 20.05
N PHE A 240 -6.11 12.98 20.17
CA PHE A 240 -6.24 14.33 19.66
C PHE A 240 -5.86 15.43 20.65
N ASP A 241 -5.32 15.09 21.81
CA ASP A 241 -5.06 16.10 22.84
C ASP A 241 -3.58 16.27 23.15
N TYR A 242 -2.71 15.79 22.28
CA TYR A 242 -1.28 15.99 22.51
C TYR A 242 -0.89 17.43 22.29
N ARG A 243 0.19 17.90 22.91
CA ARG A 243 0.65 19.27 22.69
C ARG A 243 2.10 19.18 22.22
N PHE A 244 2.56 20.26 21.57
CA PHE A 244 3.92 20.30 21.07
C PHE A 244 4.93 19.97 22.16
N GLU A 245 4.77 20.57 23.34
CA GLU A 245 5.69 20.45 24.45
C GLU A 245 5.72 19.10 25.12
N ASP A 246 4.81 18.18 24.79
CA ASP A 246 4.76 16.86 25.36
C ASP A 246 5.83 15.90 24.82
N PHE A 247 6.50 16.32 23.75
CA PHE A 247 7.51 15.51 23.10
C PHE A 247 8.92 16.03 23.29
N GLU A 248 9.84 15.15 23.64
CA GLU A 248 11.24 15.55 23.74
C GLU A 248 12.09 14.47 23.06
N ILE A 249 13.09 14.89 22.31
CA ILE A 249 14.01 13.95 21.68
C ILE A 249 15.32 13.97 22.46
N GLU A 250 15.96 12.84 22.73
CA GLU A 250 17.22 12.86 23.47
C GLU A 250 18.34 12.20 22.68
N GLY A 251 19.58 12.62 22.88
CA GLY A 251 20.71 11.97 22.21
C GLY A 251 20.73 12.14 20.70
N TYR A 252 20.21 13.24 20.18
CA TYR A 252 20.21 13.52 18.76
C TYR A 252 21.47 14.30 18.42
N ASP A 253 22.44 13.68 17.76
CA ASP A 253 23.72 14.30 17.42
C ASP A 253 24.02 14.15 15.93
N PRO A 254 23.30 14.87 15.07
CA PRO A 254 23.42 14.70 13.63
C PRO A 254 24.61 15.37 12.97
N HIS A 255 24.85 14.96 11.72
CA HIS A 255 25.84 15.67 10.89
C HIS A 255 25.13 16.98 10.50
N PRO A 256 25.85 17.90 9.88
CA PRO A 256 25.34 19.21 9.57
C PRO A 256 24.18 19.19 8.57
N GLY A 257 23.25 20.12 8.73
CA GLY A 257 22.12 20.20 7.81
C GLY A 257 22.63 20.33 6.38
N ILE A 258 21.77 19.98 5.43
CA ILE A 258 22.07 20.05 4.00
C ILE A 258 20.86 20.71 3.33
N LYS A 259 20.94 21.96 2.92
CA LYS A 259 19.75 22.59 2.31
C LYS A 259 19.55 22.06 0.89
N ALA A 260 18.31 22.00 0.42
CA ALA A 260 18.08 21.59 -0.96
C ALA A 260 16.77 22.21 -1.45
N PRO A 261 16.69 22.42 -2.77
CA PRO A 261 15.55 23.05 -3.38
C PRO A 261 14.36 22.13 -3.56
N VAL A 262 13.18 22.59 -3.14
CA VAL A 262 11.98 21.77 -3.30
C VAL A 262 11.60 21.73 -4.78
N CXM B 1 6.60 -21.14 -6.40
CA CXM B 1 7.47 -20.26 -7.04
CB CXM B 1 6.93 -18.88 -7.46
CG CXM B 1 5.94 -18.98 -8.60
SD CXM B 1 5.37 -17.41 -9.24
CE CXM B 1 4.21 -16.89 -7.98
C CXM B 1 8.54 -19.96 -5.95
O CXM B 1 8.14 -20.00 -4.74
CN CXM B 1 6.41 -22.27 -7.14
ON1 CXM B 1 6.30 -22.23 -8.41
ON2 CXM B 1 5.20 -22.35 -7.37
N LYS B 2 9.77 -19.69 -6.27
CA LYS B 2 10.77 -19.45 -5.23
C LYS B 2 10.37 -18.45 -4.16
N GLN B 3 9.98 -17.24 -4.56
CA GLN B 3 9.58 -16.20 -3.62
C GLN B 3 8.39 -16.64 -2.78
N TYR B 4 7.41 -17.25 -3.44
CA TYR B 4 6.20 -17.75 -2.77
C TYR B 4 6.56 -18.78 -1.72
N LEU B 5 7.43 -19.74 -2.04
CA LEU B 5 7.86 -20.76 -1.06
C LEU B 5 8.70 -20.17 0.07
N GLU B 6 9.54 -19.16 -0.19
CA GLU B 6 10.25 -18.51 0.91
C GLU B 6 9.26 -17.79 1.82
N LEU B 7 8.22 -17.16 1.28
CA LEU B 7 7.20 -16.52 2.11
C LEU B 7 6.49 -17.51 3.03
N MET B 8 6.05 -18.65 2.50
CA MET B 8 5.45 -19.70 3.30
C MET B 8 6.37 -20.13 4.45
N GLN B 9 7.64 -20.38 4.11
CA GLN B 9 8.60 -20.81 5.11
C GLN B 9 8.79 -19.74 6.19
N LYS B 10 8.84 -18.48 5.79
CA LYS B 10 8.96 -17.37 6.73
C LYS B 10 7.75 -17.29 7.63
N VAL B 11 6.53 -17.50 7.13
CA VAL B 11 5.37 -17.46 8.04
C VAL B 11 5.52 -18.61 9.05
N LEU B 12 5.88 -19.80 8.56
CA LEU B 12 6.05 -20.92 9.48
C LEU B 12 7.11 -20.66 10.55
N ASP B 13 8.26 -20.11 10.18
CA ASP B 13 9.35 -19.83 11.08
C ASP B 13 9.17 -18.63 12.01
N GLU B 14 8.46 -17.61 11.55
CA GLU B 14 8.38 -16.33 12.21
C GLU B 14 6.98 -15.86 12.56
N GLY B 15 5.96 -16.48 11.99
CA GLY B 15 4.60 -16.06 12.25
C GLY B 15 4.23 -16.18 13.72
N THR B 16 3.35 -15.32 14.20
CA THR B 16 2.91 -15.39 15.59
C THR B 16 1.47 -15.92 15.57
N GLN B 17 1.15 -16.75 16.54
CA GLN B 17 -0.18 -17.36 16.64
C GLN B 17 -1.24 -16.32 17.00
N LYS B 18 -2.32 -16.31 16.22
CA LYS B 18 -3.41 -15.36 16.37
C LYS B 18 -4.72 -16.12 16.21
N ASN B 19 -5.80 -15.50 16.62
CA ASN B 19 -7.14 -16.07 16.56
C ASN B 19 -7.99 -15.12 15.73
N ASP B 20 -8.44 -15.52 14.56
CA ASP B 20 -9.20 -14.57 13.73
C ASP B 20 -10.62 -14.47 14.22
N ARG B 21 -11.45 -13.73 13.50
CA ARG B 21 -12.85 -13.52 13.82
C ARG B 21 -13.76 -14.74 13.72
N THR B 22 -13.32 -15.83 13.10
CA THR B 22 -14.05 -17.07 13.02
C THR B 22 -13.62 -18.07 14.10
N GLY B 23 -12.68 -17.68 14.95
CA GLY B 23 -12.13 -18.60 15.96
C GLY B 23 -11.17 -19.64 15.41
N THR B 24 -10.73 -19.49 14.17
CA THR B 24 -9.77 -20.39 13.55
C THR B 24 -8.41 -19.71 13.79
N GLY B 25 -7.38 -20.49 14.04
CA GLY B 25 -6.08 -19.85 14.24
C GLY B 25 -5.39 -19.55 12.91
N THR B 26 -4.35 -18.74 13.00
CA THR B 26 -3.48 -18.39 11.90
C THR B 26 -2.10 -18.12 12.51
N LEU B 27 -1.10 -18.31 11.65
CA LEU B 27 0.26 -17.93 12.03
C LEU B 27 0.43 -16.67 11.16
N SER B 28 0.77 -15.51 11.69
CA SER B 28 0.92 -14.41 10.74
C SER B 28 2.16 -13.57 10.94
N ILE B 29 2.52 -12.85 9.89
CA ILE B 29 3.62 -11.91 9.90
C ILE B 29 3.03 -10.58 9.42
N PHE B 30 3.74 -9.48 9.65
CA PHE B 30 3.29 -8.20 9.15
C PHE B 30 4.36 -7.50 8.31
N GLY B 31 4.05 -7.23 7.04
CA GLY B 31 5.00 -6.57 6.16
C GLY B 31 5.92 -7.52 5.43
N HIS B 32 5.71 -7.62 4.12
CA HIS B 32 6.48 -8.49 3.25
C HIS B 32 6.41 -7.98 1.82
N GLN B 33 7.44 -8.18 1.02
CA GLN B 33 7.44 -7.74 -0.37
C GLN B 33 8.11 -8.76 -1.30
N MET B 34 7.52 -8.95 -2.47
CA MET B 34 8.06 -9.84 -3.48
C MET B 34 7.99 -9.14 -4.84
N ARG B 35 8.89 -9.49 -5.74
CA ARG B 35 8.95 -8.92 -7.07
C ARG B 35 9.03 -10.02 -8.13
N PHE B 36 8.13 -9.90 -9.11
CA PHE B 36 8.05 -10.81 -10.21
C PHE B 36 8.29 -10.07 -11.52
N ASN B 37 9.38 -10.40 -12.19
CA ASN B 37 9.69 -9.77 -13.47
C ASN B 37 8.87 -10.58 -14.47
N LEU B 38 7.84 -9.99 -15.02
CA LEU B 38 6.91 -10.70 -15.89
C LEU B 38 7.55 -11.11 -17.21
N GLN B 39 8.72 -10.61 -17.57
CA GLN B 39 9.45 -11.07 -18.73
C GLN B 39 10.18 -12.36 -18.42
N ASP B 40 10.24 -12.82 -17.17
CA ASP B 40 10.83 -14.08 -16.80
C ASP B 40 9.79 -15.21 -16.85
N GLY B 41 8.52 -14.91 -17.09
CA GLY B 41 7.47 -15.92 -17.09
C GLY B 41 6.25 -15.51 -16.28
N PHE B 42 5.09 -16.09 -16.63
CA PHE B 42 3.85 -15.74 -15.94
C PHE B 42 3.89 -16.38 -14.56
N PRO B 43 3.63 -15.60 -13.51
CA PRO B 43 3.79 -16.04 -12.13
C PRO B 43 2.67 -16.87 -11.55
N LEU B 44 2.45 -18.04 -12.13
CA LEU B 44 1.45 -18.99 -11.69
C LEU B 44 2.19 -20.09 -10.92
N VAL B 45 1.88 -20.20 -9.63
CA VAL B 45 2.51 -21.21 -8.78
C VAL B 45 2.51 -22.58 -9.45
N THR B 46 3.68 -23.21 -9.44
CA THR B 46 3.81 -24.55 -10.02
C THR B 46 3.92 -25.62 -8.94
N THR B 47 3.95 -25.26 -7.66
CA THR B 47 4.08 -26.30 -6.63
C THR B 47 2.74 -26.93 -6.26
N LYS B 48 1.67 -26.50 -6.88
CA LYS B 48 0.35 -27.05 -6.83
C LYS B 48 -0.35 -26.57 -8.11
N ARG B 49 -1.14 -27.45 -8.73
CA ARG B 49 -1.83 -26.98 -9.94
C ARG B 49 -2.81 -25.87 -9.56
N CYS B 50 -2.75 -24.73 -10.21
CA CYS B 50 -3.71 -23.67 -9.90
C CYS B 50 -4.70 -23.64 -11.05
N HIS B 51 -5.98 -23.36 -10.79
CA HIS B 51 -6.87 -23.31 -11.95
C HIS B 51 -7.09 -21.86 -12.37
N LEU B 52 -6.46 -21.52 -13.48
CA LEU B 52 -6.51 -20.22 -14.13
C LEU B 52 -7.91 -19.83 -14.58
N ARG B 53 -8.75 -20.80 -14.93
CA ARG B 53 -10.12 -20.54 -15.37
C ARG B 53 -10.87 -19.65 -14.38
N SER B 54 -10.79 -19.93 -13.08
CA SER B 54 -11.49 -19.11 -12.10
C SER B 54 -10.82 -17.75 -11.91
N ILE B 55 -9.49 -17.71 -11.98
CA ILE B 55 -8.75 -16.46 -11.88
C ILE B 55 -9.13 -15.52 -13.03
N ILE B 56 -9.19 -16.07 -14.24
CA ILE B 56 -9.60 -15.33 -15.43
C ILE B 56 -11.04 -14.85 -15.38
N HIS B 57 -12.01 -15.70 -15.04
CA HIS B 57 -13.38 -15.19 -14.96
C HIS B 57 -13.55 -14.13 -13.87
N GLU B 58 -12.88 -14.28 -12.73
CA GLU B 58 -13.04 -13.30 -11.66
C GLU B 58 -12.52 -11.93 -12.10
N LEU B 59 -11.34 -11.88 -12.72
CA LEU B 59 -10.79 -10.61 -13.19
C LEU B 59 -11.68 -9.93 -14.22
N LEU B 60 -12.22 -10.68 -15.18
CA LEU B 60 -13.14 -10.13 -16.17
C LEU B 60 -14.38 -9.58 -15.52
N TRP B 61 -14.89 -10.31 -14.53
CA TRP B 61 -16.04 -9.89 -13.73
C TRP B 61 -15.70 -8.58 -13.03
N PHE B 62 -14.54 -8.51 -12.38
CA PHE B 62 -14.09 -7.26 -11.76
C PHE B 62 -14.15 -6.07 -12.73
N LEU B 63 -13.54 -6.20 -13.89
CA LEU B 63 -13.49 -5.17 -14.90
C LEU B 63 -14.83 -4.72 -15.45
N GLN B 64 -15.87 -5.55 -15.39
CA GLN B 64 -17.21 -5.16 -15.81
C GLN B 64 -17.94 -4.35 -14.75
N GLY B 65 -17.47 -4.34 -13.52
CA GLY B 65 -18.10 -3.59 -12.44
C GLY B 65 -19.27 -4.34 -11.82
N ASP B 66 -19.38 -5.62 -12.10
CA ASP B 66 -20.40 -6.50 -11.58
C ASP B 66 -20.04 -6.98 -10.18
N THR B 67 -21.03 -7.00 -9.29
CA THR B 67 -20.78 -7.47 -7.92
C THR B 67 -21.80 -8.56 -7.57
N ASN B 68 -22.58 -8.96 -8.57
CA ASN B 68 -23.51 -10.07 -8.41
C ASN B 68 -22.78 -11.32 -8.90
N ILE B 69 -22.92 -12.47 -8.24
CA ILE B 69 -22.20 -13.65 -8.73
C ILE B 69 -22.81 -14.34 -9.94
N ALA B 70 -23.95 -13.93 -10.49
CA ALA B 70 -24.55 -14.63 -11.62
C ALA B 70 -23.54 -14.98 -12.69
N TYR B 71 -22.82 -14.02 -13.28
CA TYR B 71 -21.79 -14.31 -14.27
C TYR B 71 -20.81 -15.36 -13.79
N LEU B 72 -20.36 -15.31 -12.53
CA LEU B 72 -19.48 -16.35 -12.01
C LEU B 72 -20.24 -17.68 -12.00
N HIS B 73 -21.51 -17.66 -11.66
CA HIS B 73 -22.32 -18.88 -11.64
C HIS B 73 -22.48 -19.53 -13.00
N GLU B 74 -22.80 -18.73 -14.00
CA GLU B 74 -22.88 -19.12 -15.39
C GLU B 74 -21.62 -19.83 -15.89
N ASN B 75 -20.46 -19.59 -15.28
CA ASN B 75 -19.20 -20.19 -15.67
C ASN B 75 -18.61 -21.09 -14.61
N ASN B 76 -19.40 -21.61 -13.67
CA ASN B 76 -18.97 -22.52 -12.63
C ASN B 76 -17.81 -22.09 -11.72
N VAL B 77 -17.71 -20.81 -11.45
CA VAL B 77 -16.75 -20.26 -10.50
C VAL B 77 -17.52 -20.00 -9.22
N THR B 78 -17.16 -20.75 -8.19
CA THR B 78 -17.83 -20.76 -6.90
C THR B 78 -17.09 -20.13 -5.76
N ILE B 79 -15.93 -19.52 -6.01
CA ILE B 79 -15.16 -18.89 -4.93
C ILE B 79 -15.88 -17.76 -4.21
N TRP B 80 -16.89 -17.10 -4.76
CA TRP B 80 -17.60 -16.04 -4.05
C TRP B 80 -18.94 -16.43 -3.45
N ASP B 81 -19.42 -17.65 -3.68
CA ASP B 81 -20.69 -18.15 -3.24
C ASP B 81 -21.10 -17.94 -1.79
N GLU B 82 -20.20 -18.17 -0.85
CA GLU B 82 -20.49 -18.05 0.57
C GLU B 82 -20.71 -16.64 1.09
N TRP B 83 -20.20 -15.62 0.40
CA TRP B 83 -20.41 -14.24 0.80
C TRP B 83 -21.66 -13.65 0.19
N ALA B 84 -22.16 -14.22 -0.90
CA ALA B 84 -23.31 -13.68 -1.61
C ALA B 84 -24.62 -13.87 -0.87
N ASP B 85 -25.47 -12.85 -0.87
CA ASP B 85 -26.76 -12.91 -0.20
C ASP B 85 -27.72 -13.79 -1.00
N GLU B 86 -29.00 -13.82 -0.62
CA GLU B 86 -29.96 -14.66 -1.32
C GLU B 86 -30.11 -14.30 -2.79
N ASN B 87 -29.93 -13.04 -3.16
CA ASN B 87 -30.03 -12.59 -4.53
C ASN B 87 -28.74 -12.71 -5.32
N GLY B 88 -27.69 -13.20 -4.68
CA GLY B 88 -26.37 -13.38 -5.29
C GLY B 88 -25.58 -12.07 -5.25
N ASP B 89 -25.95 -11.16 -4.36
CA ASP B 89 -25.27 -9.87 -4.26
C ASP B 89 -24.17 -9.85 -3.22
N LEU B 90 -23.13 -9.05 -3.50
CA LEU B 90 -21.98 -8.94 -2.61
C LEU B 90 -21.84 -7.56 -2.00
N GLY B 91 -22.69 -6.64 -2.46
CA GLY B 91 -22.56 -5.23 -2.05
C GLY B 91 -21.49 -4.64 -2.98
N PRO B 92 -21.04 -3.43 -2.72
CA PRO B 92 -20.08 -2.74 -3.57
C PRO B 92 -18.63 -3.11 -3.38
N VAL B 93 -18.32 -4.37 -3.68
CA VAL B 93 -16.98 -4.94 -3.51
C VAL B 93 -16.14 -4.57 -4.72
N TYR B 94 -14.88 -4.98 -4.75
CA TYR B 94 -13.93 -4.71 -5.81
C TYR B 94 -14.46 -4.07 -7.08
N GLY B 95 -15.10 -4.84 -7.95
CA GLY B 95 -15.58 -4.36 -9.24
C GLY B 95 -16.29 -3.01 -9.20
N LYS B 96 -17.28 -2.84 -8.32
CA LYS B 96 -18.01 -1.58 -8.23
C LYS B 96 -17.11 -0.39 -7.89
N GLN B 97 -16.11 -0.52 -7.05
CA GLN B 97 -15.16 0.55 -6.76
C GLN B 97 -14.21 0.80 -7.91
N TRP B 98 -13.76 -0.22 -8.63
CA TRP B 98 -12.91 -0.08 -9.77
C TRP B 98 -13.63 0.71 -10.89
N ARG B 99 -14.90 0.42 -11.13
CA ARG B 99 -15.58 1.06 -12.25
C ARG B 99 -16.54 2.21 -11.93
N ALA B 100 -17.03 2.26 -10.71
CA ALA B 100 -18.04 3.24 -10.33
C ALA B 100 -18.00 3.66 -8.86
N TRP B 101 -16.84 4.07 -8.37
CA TRP B 101 -16.69 4.52 -6.98
C TRP B 101 -17.68 5.66 -6.77
N PRO B 102 -18.66 5.52 -5.89
CA PRO B 102 -19.64 6.55 -5.67
C PRO B 102 -19.12 7.74 -4.91
N THR B 103 -19.44 8.95 -5.41
CA THR B 103 -19.09 10.16 -4.69
C THR B 103 -20.35 10.62 -3.97
N PRO B 104 -20.21 11.53 -3.01
CA PRO B 104 -21.31 12.02 -2.20
C PRO B 104 -22.40 12.76 -2.96
N ASP B 105 -22.10 13.38 -4.09
CA ASP B 105 -23.06 14.11 -4.90
C ASP B 105 -23.86 13.21 -5.85
N GLY B 106 -23.66 11.90 -5.75
CA GLY B 106 -24.38 10.94 -6.57
C GLY B 106 -23.64 10.55 -7.85
N ARG B 107 -22.46 11.10 -8.07
CA ARG B 107 -21.70 10.76 -9.27
C ARG B 107 -20.88 9.51 -9.00
N HIS B 108 -20.21 9.01 -10.04
CA HIS B 108 -19.40 7.81 -9.94
C HIS B 108 -18.07 7.98 -10.65
N ILE B 109 -17.00 7.40 -10.10
CA ILE B 109 -15.69 7.52 -10.72
C ILE B 109 -15.20 6.18 -11.26
N ASP B 110 -14.87 6.17 -12.55
CA ASP B 110 -14.35 4.97 -13.20
C ASP B 110 -12.82 4.96 -13.18
N GLN B 111 -12.26 4.38 -12.12
CA GLN B 111 -10.81 4.30 -11.98
C GLN B 111 -10.08 3.55 -13.07
N ILE B 112 -10.65 2.51 -13.69
CA ILE B 112 -9.98 1.81 -14.75
C ILE B 112 -9.84 2.69 -15.98
N THR B 113 -10.89 3.40 -16.38
CA THR B 113 -10.85 4.32 -17.52
C THR B 113 -9.85 5.44 -17.27
N THR B 114 -9.77 5.94 -16.03
CA THR B 114 -8.82 6.98 -15.65
C THR B 114 -7.39 6.46 -15.86
N VAL B 115 -7.12 5.29 -15.29
CA VAL B 115 -5.81 4.64 -15.42
C VAL B 115 -5.41 4.41 -16.86
N LEU B 116 -6.31 3.90 -17.71
CA LEU B 116 -5.91 3.73 -19.11
C LEU B 116 -5.59 5.09 -19.75
N ASN B 117 -6.35 6.13 -19.42
CA ASN B 117 -6.06 7.44 -20.00
C ASN B 117 -4.75 7.99 -19.46
N GLN B 118 -4.41 7.73 -18.20
CA GLN B 118 -3.14 8.17 -17.64
C GLN B 118 -2.00 7.41 -18.30
N LEU B 119 -2.13 6.10 -18.50
CA LEU B 119 -1.07 5.36 -19.15
C LEU B 119 -0.82 5.83 -20.58
N LYS B 120 -1.87 6.18 -21.31
CA LYS B 120 -1.69 6.61 -22.69
C LYS B 120 -1.22 8.04 -22.83
N ASN B 121 -1.69 8.93 -21.94
CA ASN B 121 -1.39 10.34 -22.06
C ASN B 121 -0.36 10.90 -21.09
N ASP B 122 -0.15 10.24 -19.96
CA ASP B 122 0.81 10.71 -18.94
C ASP B 122 1.47 9.54 -18.21
N PRO B 123 2.18 8.69 -18.94
CA PRO B 123 2.83 7.51 -18.43
C PRO B 123 3.78 7.73 -17.26
N ASP B 124 4.41 8.90 -17.16
CA ASP B 124 5.28 9.15 -16.03
C ASP B 124 4.54 9.60 -14.78
N SER B 125 3.23 9.76 -14.86
CA SER B 125 2.44 10.16 -13.71
C SER B 125 2.86 9.32 -12.51
N ARG B 126 2.83 9.92 -11.34
CA ARG B 126 3.16 9.19 -10.10
C ARG B 126 1.91 8.81 -9.34
N ARG B 127 0.76 8.96 -9.98
CA ARG B 127 -0.50 8.64 -9.32
C ARG B 127 -1.42 7.79 -10.16
N ILE B 128 -0.89 6.81 -10.88
CA ILE B 128 -1.73 5.89 -11.70
C ILE B 128 -2.19 4.77 -10.77
N ILE B 129 -3.26 5.05 -10.06
CA ILE B 129 -3.76 4.23 -8.97
C ILE B 129 -5.21 3.84 -9.10
N VAL B 130 -5.52 2.68 -8.54
CA VAL B 130 -6.86 2.19 -8.35
C VAL B 130 -7.00 1.79 -6.87
N SER B 131 -7.98 2.32 -6.18
CA SER B 131 -8.18 1.91 -4.79
C SER B 131 -9.56 1.26 -4.67
N ALA B 132 -9.59 0.09 -4.04
CA ALA B 132 -10.86 -0.55 -3.73
C ALA B 132 -11.24 -0.20 -2.29
N TRP B 133 -10.39 0.49 -1.57
CA TRP B 133 -10.62 0.85 -0.18
C TRP B 133 -11.47 2.11 -0.01
N ASN B 134 -12.74 1.99 -0.32
CA ASN B 134 -13.71 3.08 -0.20
C ASN B 134 -14.30 3.00 1.21
N VAL B 135 -13.69 3.79 2.10
CA VAL B 135 -14.02 3.79 3.52
C VAL B 135 -15.52 3.93 3.77
N GLY B 136 -16.19 4.84 3.07
CA GLY B 136 -17.62 5.07 3.21
C GLY B 136 -18.51 3.96 2.69
N GLU B 137 -17.96 2.95 2.02
CA GLU B 137 -18.76 1.84 1.54
C GLU B 137 -18.41 0.50 2.15
N LEU B 138 -17.42 0.44 3.03
CA LEU B 138 -16.98 -0.81 3.65
C LEU B 138 -18.11 -1.55 4.34
N ASP B 139 -18.94 -0.86 5.10
CA ASP B 139 -20.06 -1.50 5.80
C ASP B 139 -21.06 -2.13 4.84
N LYS B 140 -21.17 -1.69 3.59
CA LYS B 140 -22.09 -2.30 2.66
C LYS B 140 -21.51 -3.55 2.01
N MET B 141 -20.20 -3.78 2.07
CA MET B 141 -19.60 -4.93 1.42
C MET B 141 -19.77 -6.24 2.18
N ALA B 142 -19.86 -7.36 1.43
CA ALA B 142 -19.88 -8.68 2.07
C ALA B 142 -18.54 -8.93 2.76
N LEU B 143 -17.47 -8.41 2.17
CA LEU B 143 -16.12 -8.51 2.67
C LEU B 143 -15.35 -7.21 2.34
N ALA B 144 -14.60 -6.66 3.28
CA ALA B 144 -13.74 -5.53 2.96
C ALA B 144 -12.66 -6.05 2.00
N PRO B 145 -12.22 -5.23 1.05
CA PRO B 145 -11.24 -5.69 0.09
C PRO B 145 -9.96 -6.19 0.75
N CYS B 146 -9.44 -7.33 0.31
CA CYS B 146 -8.15 -7.85 0.75
C CYS B 146 -7.02 -7.26 -0.11
N HIS B 147 -7.18 -7.40 -1.43
CA HIS B 147 -6.21 -6.82 -2.36
C HIS B 147 -6.81 -5.43 -2.65
N ALA B 148 -6.40 -4.46 -1.84
CA ALA B 148 -7.10 -3.21 -1.72
C ALA B 148 -6.60 -1.97 -2.41
N PHE B 149 -5.36 -1.95 -2.87
CA PHE B 149 -4.81 -0.72 -3.45
C PHE B 149 -3.71 -1.11 -4.43
N PHE B 150 -3.74 -0.56 -5.65
CA PHE B 150 -2.69 -0.89 -6.60
C PHE B 150 -2.26 0.33 -7.42
N GLN B 151 -0.99 0.25 -7.83
CA GLN B 151 -0.38 1.37 -8.56
C GLN B 151 0.37 0.86 -9.79
N PHE B 152 0.33 1.64 -10.85
CA PHE B 152 1.01 1.35 -12.10
C PHE B 152 2.17 2.33 -12.25
N TYR B 153 3.15 1.92 -13.05
CA TYR B 153 4.40 2.64 -13.24
C TYR B 153 5.00 2.27 -14.58
N VAL B 154 5.57 3.27 -15.28
CA VAL B 154 6.09 3.00 -16.63
C VAL B 154 7.54 3.43 -16.71
N ALA B 155 8.40 2.53 -17.20
CA ALA B 155 9.82 2.88 -17.34
C ALA B 155 10.36 2.07 -18.51
N ASP B 156 11.08 2.75 -19.39
CA ASP B 156 11.67 2.16 -20.58
C ASP B 156 10.70 1.31 -21.38
N GLY B 157 9.48 1.78 -21.61
CA GLY B 157 8.46 1.06 -22.32
C GLY B 157 7.85 -0.15 -21.64
N LYS B 158 8.13 -0.38 -20.36
CA LYS B 158 7.58 -1.48 -19.60
C LYS B 158 6.58 -0.98 -18.56
N LEU B 159 5.50 -1.72 -18.39
CA LEU B 159 4.45 -1.42 -17.44
C LEU B 159 4.56 -2.27 -16.17
N SER B 160 4.83 -1.67 -15.01
CA SER B 160 4.87 -2.45 -13.79
C SER B 160 3.63 -2.14 -12.95
N CYS B 161 3.31 -2.99 -11.97
CA CYS B 161 2.19 -2.72 -11.06
C CYS B 161 2.58 -3.19 -9.66
N GLN B 162 2.16 -2.49 -8.62
CA GLN B 162 2.45 -2.88 -7.24
C GLN B 162 1.09 -2.97 -6.54
N LEU B 163 0.89 -4.07 -5.84
CA LEU B 163 -0.34 -4.25 -5.09
C LEU B 163 -0.05 -4.17 -3.59
N TYR B 164 -0.90 -3.43 -2.87
CA TYR B 164 -0.83 -3.45 -1.41
C TYR B 164 -2.00 -4.36 -0.96
N GLN B 165 -1.64 -5.51 -0.41
CA GLN B 165 -2.63 -6.48 0.06
C GLN B 165 -2.67 -6.46 1.58
N ARG B 166 -3.69 -5.81 2.15
CA ARG B 166 -3.80 -5.63 3.59
C ARG B 166 -4.01 -6.93 4.34
N SER B 167 -4.56 -7.95 3.68
CA SER B 167 -4.81 -9.23 4.31
C SER B 167 -4.63 -10.33 3.27
N CYS B 168 -3.74 -11.25 3.62
CA CYS B 168 -3.40 -12.33 2.71
C CYS B 168 -3.48 -13.71 3.34
N ASP B 169 -4.31 -14.54 2.74
CA ASP B 169 -4.35 -15.98 3.04
C ASP B 169 -3.29 -16.57 2.10
N VAL B 170 -2.13 -16.89 2.69
CA VAL B 170 -1.01 -17.33 1.86
C VAL B 170 -1.30 -18.59 1.08
N PHE B 171 -1.88 -19.62 1.68
CA PHE B 171 -2.10 -20.85 0.94
C PHE B 171 -3.16 -20.72 -0.14
N LEU B 172 -4.36 -20.25 0.21
CA LEU B 172 -5.46 -20.25 -0.75
C LEU B 172 -5.63 -19.00 -1.58
N GLY B 173 -5.46 -17.81 -0.99
CA GLY B 173 -5.69 -16.59 -1.74
C GLY B 173 -4.55 -16.09 -2.61
N LEU B 174 -3.34 -16.05 -2.07
CA LEU B 174 -2.16 -15.55 -2.73
C LEU B 174 -1.85 -16.04 -4.13
N PRO B 175 -1.81 -17.34 -4.39
CA PRO B 175 -1.59 -17.87 -5.73
C PRO B 175 -2.56 -17.21 -6.69
N PHE B 176 -3.84 -17.15 -6.31
CA PHE B 176 -4.85 -16.50 -7.12
C PHE B 176 -4.56 -15.01 -7.31
N ASN B 177 -4.26 -14.32 -6.22
CA ASN B 177 -4.10 -12.87 -6.28
C ASN B 177 -2.91 -12.45 -7.14
N ILE B 178 -1.77 -13.12 -7.05
CA ILE B 178 -0.62 -12.80 -7.86
C ILE B 178 -0.92 -12.98 -9.35
N ALA B 179 -1.56 -14.09 -9.70
CA ALA B 179 -1.91 -14.38 -11.09
C ALA B 179 -2.90 -13.36 -11.65
N SER B 180 -3.85 -12.96 -10.81
CA SER B 180 -4.86 -11.99 -11.22
C SER B 180 -4.23 -10.66 -11.64
N TYR B 181 -3.33 -10.11 -10.83
CA TYR B 181 -2.70 -8.83 -11.13
C TYR B 181 -1.68 -8.95 -12.26
N ALA B 182 -1.01 -10.09 -12.43
CA ALA B 182 -0.08 -10.31 -13.52
C ALA B 182 -0.89 -10.29 -14.83
N LEU B 183 -2.06 -10.93 -14.74
CA LEU B 183 -2.97 -10.98 -15.86
C LEU B 183 -3.40 -9.59 -16.28
N LEU B 184 -3.84 -8.79 -15.30
CA LEU B 184 -4.24 -7.41 -15.58
C LEU B 184 -3.10 -6.62 -16.19
N VAL B 185 -1.87 -6.79 -15.73
CA VAL B 185 -0.74 -6.05 -16.31
C VAL B 185 -0.57 -6.38 -17.80
N HIS B 186 -0.66 -7.66 -18.16
CA HIS B 186 -0.53 -8.07 -19.55
C HIS B 186 -1.64 -7.44 -20.38
N MET B 187 -2.88 -7.44 -19.87
CA MET B 187 -3.96 -6.83 -20.62
C MET B 187 -3.79 -5.31 -20.79
N MET B 188 -3.39 -4.60 -19.74
CA MET B 188 -3.19 -3.16 -19.85
C MET B 188 -2.00 -2.84 -20.75
N ALA B 189 -0.94 -3.61 -20.61
CA ALA B 189 0.24 -3.41 -21.44
C ALA B 189 -0.16 -3.54 -22.91
N GLN B 190 -0.91 -4.56 -23.29
CA GLN B 190 -1.39 -4.74 -24.65
C GLN B 190 -2.25 -3.58 -25.13
N GLN B 191 -3.21 -3.11 -24.36
CA GLN B 191 -4.06 -2.01 -24.79
C GLN B 191 -3.30 -0.69 -24.92
N CYS B 192 -2.19 -0.55 -24.21
CA CYS B 192 -1.39 0.65 -24.22
C CYS B 192 -0.12 0.52 -25.02
N ASP B 193 0.01 -0.54 -25.80
CA ASP B 193 1.25 -0.73 -26.56
C ASP B 193 2.51 -0.67 -25.71
N LEU B 194 2.54 -1.31 -24.56
CA LEU B 194 3.70 -1.34 -23.69
C LEU B 194 4.18 -2.79 -23.52
N GLU B 195 5.42 -2.98 -23.10
CA GLU B 195 5.89 -4.32 -22.74
C GLU B 195 5.57 -4.53 -21.25
N VAL B 196 5.66 -5.76 -20.75
CA VAL B 196 5.37 -6.01 -19.34
C VAL B 196 6.64 -5.83 -18.51
N GLY B 197 6.42 -5.27 -17.32
CA GLY B 197 7.54 -4.99 -16.43
C GLY B 197 7.49 -5.94 -15.22
N ASP B 198 7.43 -5.36 -14.03
CA ASP B 198 7.38 -6.13 -12.80
C ASP B 198 6.02 -6.13 -12.10
N PHE B 199 5.73 -7.23 -11.42
CA PHE B 199 4.57 -7.27 -10.54
C PHE B 199 5.17 -7.30 -9.11
N VAL B 200 5.04 -6.19 -8.39
CA VAL B 200 5.54 -6.08 -7.03
C VAL B 200 4.39 -6.35 -6.06
N TRP B 201 4.53 -7.36 -5.20
CA TRP B 201 3.50 -7.73 -4.23
C TRP B 201 3.91 -7.28 -2.84
N THR B 202 3.08 -6.47 -2.18
CA THR B 202 3.37 -6.04 -0.80
C THR B 202 2.26 -6.52 0.11
N GLY B 203 2.65 -7.19 1.20
CA GLY B 203 1.61 -7.67 2.10
C GLY B 203 1.57 -6.95 3.45
N GLY B 204 0.36 -6.85 3.97
CA GLY B 204 0.13 -6.33 5.32
C GLY B 204 0.01 -7.56 6.22
N ASP B 205 -1.20 -7.85 6.71
CA ASP B 205 -1.35 -9.04 7.58
C ASP B 205 -1.26 -10.27 6.68
N THR B 206 -0.11 -10.95 6.75
CA THR B 206 0.15 -12.07 5.85
C THR B 206 0.14 -13.39 6.63
N HIS B 207 -0.84 -14.25 6.38
CA HIS B 207 -1.04 -15.40 7.24
C HIS B 207 -1.38 -16.70 6.54
N LEU B 208 -1.11 -17.78 7.27
CA LEU B 208 -1.43 -19.13 6.97
C LEU B 208 -2.44 -19.63 8.02
N TYR B 209 -3.60 -20.07 7.57
CA TYR B 209 -4.61 -20.56 8.50
C TYR B 209 -4.12 -21.87 9.10
N SER B 210 -4.49 -22.14 10.35
CA SER B 210 -4.12 -23.38 11.00
C SER B 210 -4.60 -24.64 10.30
N ASN B 211 -5.71 -24.64 9.57
CA ASN B 211 -6.13 -25.83 8.84
C ASN B 211 -5.57 -25.89 7.43
N HIS B 212 -4.45 -25.21 7.15
CA HIS B 212 -3.78 -25.25 5.88
C HIS B 212 -2.32 -25.73 6.10
N MET B 213 -1.98 -26.10 7.33
CA MET B 213 -0.66 -26.56 7.69
C MET B 213 -0.18 -27.87 7.10
N ASP B 214 -1.02 -28.89 6.96
CA ASP B 214 -0.59 -30.12 6.29
C ASP B 214 -0.29 -29.77 4.84
N GLN B 215 -1.23 -29.06 4.23
CA GLN B 215 -1.10 -28.62 2.84
C GLN B 215 0.18 -27.80 2.69
N THR B 216 0.42 -26.86 3.59
CA THR B 216 1.64 -26.06 3.51
C THR B 216 2.86 -26.95 3.58
N HIS B 217 2.95 -27.89 4.52
CA HIS B 217 4.09 -28.79 4.61
C HIS B 217 4.30 -29.60 3.34
N LEU B 218 3.22 -30.13 2.77
CA LEU B 218 3.27 -30.85 1.51
C LEU B 218 3.79 -29.94 0.41
N GLN B 219 3.23 -28.72 0.29
CA GLN B 219 3.69 -27.83 -0.78
C GLN B 219 5.17 -27.49 -0.65
N LEU B 220 5.68 -27.25 0.55
CA LEU B 220 7.09 -26.90 0.71
C LEU B 220 8.08 -28.02 0.44
N SER B 221 7.65 -29.27 0.39
CA SER B 221 8.51 -30.39 0.06
C SER B 221 8.66 -30.55 -1.44
N ARG B 222 7.98 -29.74 -2.23
CA ARG B 222 8.05 -29.82 -3.69
C ARG B 222 8.99 -28.77 -4.25
N GLU B 223 9.61 -29.08 -5.38
CA GLU B 223 10.51 -28.09 -6.00
C GLU B 223 9.74 -27.35 -7.09
N PRO B 224 9.89 -26.04 -7.12
CA PRO B 224 9.24 -25.23 -8.15
C PRO B 224 9.79 -25.59 -9.53
N ARG B 225 8.98 -25.42 -10.56
CA ARG B 225 9.27 -25.65 -11.95
C ARG B 225 9.33 -24.31 -12.71
N PRO B 226 10.02 -24.27 -13.83
CA PRO B 226 10.09 -23.06 -14.64
C PRO B 226 8.67 -22.55 -14.92
N LEU B 227 8.51 -21.25 -14.81
CA LEU B 227 7.24 -20.58 -15.03
C LEU B 227 6.74 -20.72 -16.46
N PRO B 228 5.42 -20.74 -16.60
CA PRO B 228 4.78 -20.84 -17.90
C PRO B 228 4.82 -19.48 -18.60
N LYS B 229 4.31 -19.46 -19.81
CA LYS B 229 4.27 -18.23 -20.60
C LYS B 229 2.84 -17.95 -21.00
N LEU B 230 2.39 -16.72 -20.74
CA LEU B 230 1.04 -16.32 -21.06
C LEU B 230 0.95 -15.82 -22.50
N ILE B 231 -0.10 -16.26 -23.19
CA ILE B 231 -0.38 -15.88 -24.55
C ILE B 231 -1.77 -15.23 -24.61
N ILE B 232 -1.82 -14.03 -25.18
CA ILE B 232 -3.11 -13.40 -25.45
C ILE B 232 -3.38 -13.62 -26.94
N LYS B 233 -4.41 -14.39 -27.27
CA LYS B 233 -4.70 -14.74 -28.67
C LYS B 233 -5.42 -13.70 -29.51
N ARG B 234 -5.99 -12.69 -28.87
CA ARG B 234 -6.71 -11.67 -29.61
C ARG B 234 -6.65 -10.33 -28.89
N LYS B 235 -6.39 -9.25 -29.61
CA LYS B 235 -6.34 -7.92 -29.00
C LYS B 235 -7.67 -7.21 -29.21
N PRO B 236 -8.49 -7.14 -28.17
CA PRO B 236 -9.78 -6.52 -28.24
C PRO B 236 -9.70 -5.02 -28.45
N GLU B 237 -10.82 -4.39 -28.75
CA GLU B 237 -11.00 -2.97 -28.87
C GLU B 237 -10.63 -2.20 -27.59
N SER B 238 -10.90 -2.72 -26.40
CA SER B 238 -10.60 -2.01 -25.16
C SER B 238 -10.30 -2.97 -24.01
N ILE B 239 -9.95 -2.43 -22.85
CA ILE B 239 -9.65 -3.24 -21.67
C ILE B 239 -10.91 -3.90 -21.11
N PHE B 240 -12.08 -3.47 -21.55
CA PHE B 240 -13.34 -4.02 -21.10
C PHE B 240 -13.94 -5.02 -22.07
N ASP B 241 -13.19 -5.40 -23.11
CA ASP B 241 -13.65 -6.35 -24.11
C ASP B 241 -12.96 -7.70 -24.15
N TYR B 242 -12.16 -8.06 -23.16
CA TYR B 242 -11.55 -9.38 -23.14
C TYR B 242 -12.59 -10.46 -22.84
N ARG B 243 -12.28 -11.67 -23.29
CA ARG B 243 -13.13 -12.83 -23.05
C ARG B 243 -12.21 -13.95 -22.58
N PHE B 244 -12.78 -14.92 -21.88
CA PHE B 244 -12.08 -16.07 -21.35
C PHE B 244 -11.17 -16.76 -22.36
N GLU B 245 -11.69 -17.05 -23.55
CA GLU B 245 -10.95 -17.69 -24.62
C GLU B 245 -9.80 -16.90 -25.20
N ASP B 246 -9.58 -15.64 -24.84
CA ASP B 246 -8.44 -14.88 -25.33
C ASP B 246 -7.13 -15.29 -24.68
N PHE B 247 -7.15 -15.96 -23.54
CA PHE B 247 -5.91 -16.33 -22.87
C PHE B 247 -5.52 -17.79 -22.96
N GLU B 248 -4.22 -18.04 -23.14
CA GLU B 248 -3.66 -19.37 -23.11
C GLU B 248 -2.38 -19.33 -22.28
N ILE B 249 -2.21 -20.37 -21.47
CA ILE B 249 -1.01 -20.54 -20.67
C ILE B 249 -0.26 -21.73 -21.27
N GLU B 250 1.01 -21.52 -21.60
CA GLU B 250 1.79 -22.54 -22.30
C GLU B 250 3.00 -22.90 -21.47
N GLY B 251 3.38 -24.18 -21.44
CA GLY B 251 4.51 -24.64 -20.66
C GLY B 251 4.18 -24.74 -19.18
N TYR B 252 2.90 -24.86 -18.84
CA TYR B 252 2.54 -24.96 -17.41
C TYR B 252 2.66 -26.41 -16.98
N ASP B 253 3.58 -26.71 -16.08
CA ASP B 253 3.88 -28.09 -15.65
C ASP B 253 3.92 -28.19 -14.14
N PRO B 254 2.75 -28.05 -13.50
CA PRO B 254 2.64 -28.07 -12.05
C PRO B 254 2.60 -29.43 -11.39
N HIS B 255 2.94 -29.43 -10.11
CA HIS B 255 2.74 -30.59 -9.25
C HIS B 255 1.21 -30.65 -9.12
N PRO B 256 0.69 -31.72 -8.54
CA PRO B 256 -0.72 -31.91 -8.41
C PRO B 256 -1.38 -30.88 -7.51
N GLY B 257 -2.64 -30.59 -7.86
CA GLY B 257 -3.44 -29.67 -7.08
C GLY B 257 -3.48 -30.18 -5.64
N ILE B 258 -3.59 -29.21 -4.72
CA ILE B 258 -3.65 -29.49 -3.30
C ILE B 258 -4.94 -28.88 -2.75
N LYS B 259 -5.86 -29.71 -2.32
CA LYS B 259 -7.12 -29.27 -1.76
C LYS B 259 -6.95 -28.78 -0.32
N ALA B 260 -7.72 -27.75 -0.02
CA ALA B 260 -7.72 -27.26 1.35
C ALA B 260 -9.15 -26.95 1.77
N PRO B 261 -9.41 -27.19 3.05
CA PRO B 261 -10.72 -26.90 3.61
C PRO B 261 -10.93 -25.38 3.68
S SO4 C . 2.03 14.06 -8.19
O1 SO4 C . 1.85 14.81 -9.48
O2 SO4 C . 2.07 12.61 -8.53
O3 SO4 C . 3.31 14.40 -7.52
O4 SO4 C . 0.90 14.36 -7.27
S SO4 D . 14.38 20.92 16.55
O1 SO4 D . 14.03 21.63 17.82
O2 SO4 D . 13.38 21.20 15.48
O3 SO4 D . 15.74 21.38 16.10
O4 SO4 D . 14.42 19.44 16.82
S SO4 E . 31.19 10.24 12.46
O1 SO4 E . 31.73 9.55 11.24
O2 SO4 E . 31.93 9.73 13.65
O3 SO4 E . 31.35 11.72 12.35
O4 SO4 E . 29.72 9.92 12.59
C1 TP3 F . 4.33 19.54 2.23
C2 TP3 F . 4.42 18.21 3.04
N3 TP3 F . 5.00 17.36 2.00
C4 TP3 F . 4.66 17.75 0.63
C5 TP3 F . 3.79 19.02 0.89
C6 TP3 F . 4.06 16.80 -0.39
O7 TP3 F . 3.17 15.95 -0.19
O8 TP3 F . 4.53 16.93 -1.56
S9 TP3 F . 6.27 16.26 2.41
C10 TP3 F . 7.72 17.26 2.63
O11 TP3 F . 6.04 15.53 3.77
O12 TP3 F . 6.54 15.25 1.22
C13 TP3 F . 8.31 17.80 1.50
C14 TP3 F . 9.45 18.57 1.65
C15 TP3 F . 9.96 18.77 2.95
C16 TP3 F . 9.34 18.19 4.08
C17 TP3 F . 8.19 17.42 3.92
C18 TP3 F . 11.20 19.63 3.04
N19 TP3 F . 11.89 19.69 4.19
C20 TP3 F . 13.00 20.68 4.30
C21 TP3 F . 12.74 21.95 5.11
C22 TP3 F . 11.35 22.07 5.71
C23 TP3 F . 11.26 23.08 6.85
O24 TP3 F . 11.42 20.49 2.19
C25 TP3 F . 14.12 19.75 4.89
O26 TP3 F . 15.28 20.07 4.61
O27 TP3 F . 13.76 18.78 5.59
O28 TP3 F . 11.85 22.78 7.92
O29 TP3 F . 10.61 24.13 6.72
S SO4 G . -11.09 -9.65 7.35
O1 SO4 G . -11.71 -8.92 6.20
O2 SO4 G . -11.53 -11.08 7.27
O3 SO4 G . -9.60 -9.66 7.24
O4 SO4 G . -11.55 -9.02 8.64
S SO4 H . -22.44 9.04 -12.94
O1 SO4 H . -23.05 10.13 -13.78
O2 SO4 H . -23.28 8.80 -11.74
O3 SO4 H . -22.32 7.80 -13.75
O4 SO4 H . -21.09 9.54 -12.52
C1 TP3 I . -13.38 -14.49 -2.78
C2 TP3 I . -12.15 -13.92 -3.53
N3 TP3 I . -11.19 -14.02 -2.46
C4 TP3 I . -11.73 -13.87 -1.12
C5 TP3 I . -13.24 -13.80 -1.40
C6 TP3 I . -11.19 -12.84 -0.13
O7 TP3 I . -10.60 -11.76 -0.32
O8 TP3 I . -11.33 -13.16 1.10
S9 TP3 I . -9.55 -14.51 -2.71
C10 TP3 I . -9.67 -16.28 -2.90
O11 TP3 I . -8.98 -13.92 -4.04
O12 TP3 I . -8.66 -14.18 -1.44
C13 TP3 I . -10.31 -16.95 -1.87
C14 TP3 I . -10.45 -18.33 -1.95
C15 TP3 I . -9.99 -19.04 -3.06
C16 TP3 I . -9.36 -18.32 -4.10
C17 TP3 I . -9.21 -16.93 -4.02
C18 TP3 I . -10.22 -20.55 -3.06
N19 TP3 I . -9.72 -21.27 -4.08
C20 TP3 I . -9.83 -22.72 -4.37
C21 TP3 I . -10.33 -23.13 -5.76
C22 TP3 I . -11.23 -22.18 -6.55
C22 TP3 I . -11.53 -22.38 -6.37
C23 TP3 I . -11.14 -22.30 -8.08
C23 TP3 I . -12.78 -23.26 -6.53
O24 TP3 I . -10.97 -21.02 -2.19
C25 TP3 I . -8.34 -23.23 -4.27
O26 TP3 I . -8.07 -24.30 -3.69
O27 TP3 I . -7.46 -22.53 -4.83
O28 TP3 I . -10.03 -22.16 -8.64
O28 TP3 I . -12.75 -24.21 -7.33
O29 TP3 I . -12.18 -22.54 -8.73
O29 TP3 I . -13.78 -22.99 -5.84
#